data_6TTV
#
_entry.id   6TTV
#
_cell.length_a   64.150
_cell.length_b   64.150
_cell.length_c   225.400
_cell.angle_alpha   90.000
_cell.angle_beta   90.000
_cell.angle_gamma   120.000
#
_symmetry.space_group_name_H-M   'P 32 2 1'
#
loop_
_entity.id
_entity.type
_entity.pdbx_description
1 polymer 'N6-adenosine-methyltransferase catalytic subunit'
2 polymer 'N6-adenosine-methyltransferase non-catalytic subunit'
3 non-polymer (2~{S},3~{S},4~{R},5~{R})-5-(6-aminopurin-9-yl)-3,4-bis(oxidanyl)oxolane-2-carboxamide
4 non-polymer 'ACETATE ION'
5 water water
#
loop_
_entity_poly.entity_id
_entity_poly.type
_entity_poly.pdbx_seq_one_letter_code
_entity_poly.pdbx_strand_id
1 'polypeptide(L)'
;MSDTWSSIQAHKKQLDSLRERLQRRRKQDSGHLDLRNPEAALSPTFRSDSPVPTAPTSGGPKPSTASAVPELATDPELEK
KLLHHLSDLALTLPTDAVSICLAISTPDAPATQDGVESLLQKFAAQELIEVKRGLLQDDAHPTLVTYADHSKLSAMMGAV
AEKKGPGEVAGTVTGQKRRAEQDSTTVAAFASSLVSGLNSSASEPAKEPAKKSRKHAASDVDLEIESLLNQQSTKEQQSK
KVSQEILELLNTTTAKEQSIVEKFRSRGRAQVQEFCDYGTKEECMKASDADRPCRKLHFRRIINKHTDESLGDCSFLNTC
FHMDTCKYVHYEIDACMDSEAPGSKDHTPSQELALTQSVGGDSSADRLFPPQWICCDIRYLDVSILGKFAVVMADPPWDI
HMELPYGTLTDDEMRRLNIPVLQDDGFLFLWVTGRAMELGRECLNLWGYERVDEIIWVKTNQLQRIIRTGRTGHWLNHGK
EHCLVGVKGNPQGFNQGLDCDVIVAEVRSTSHKPDEIYGMIERLSPGTRKIELFGRPHNVQPNWITLGNQLDGIHLLDPD
VVARFKQRYPDGIISKPKNL
;
A
2 'polypeptide(L)'
;MDSRLQEIRERQKLRRQLLAQQLGAESADSIGAVLNSKDEQREIAETRETCRASYDTSAPNAKRKYLDEGETDEDKMEEY
KDELEMQQDEENLPYEEEIYKDSSTFLKGTQSLNPHNDYCQHFVDTGHRPQNFIRDVGLADRFEEYPKLRELIRLKDELI
AKSNTPPMYLQADIEAFDIRELTPKFDVILLEPPLEEYYRETGITANEKCWTWDDIMKLEIDEIAAPRSFIFLWCGSGEG
LDLGRVCLRKWGYRRCEDICWIKTNKNNPGKTKTLDPKAVFQRTKEHCLMGIKGTVKRSTDGDFIHANVDIDLIITEEPE
IGNIEKPVEIFHIIEHFCLGRRRLHLFGRDSTIRPGWLTVGPTLTNSNYNAETYASYFSAPNSYLTGCTEEIERLRPKSP
PPKSKSDRGGGAPRGGGRGGTSAGRGRERNRSNFRGERGGFRGGRGGAHRGGFPPR
;
B
#
# COMPACT_ATOMS: atom_id res chain seq x y z
N LEU A 368 -6.55 -34.11 -6.09
CA LEU A 368 -6.00 -34.06 -7.45
C LEU A 368 -6.67 -33.04 -8.34
N PHE A 369 -7.54 -32.28 -7.75
CA PHE A 369 -8.47 -31.40 -8.46
C PHE A 369 -9.41 -30.98 -7.34
N PRO A 370 -10.03 -31.90 -6.58
CA PRO A 370 -10.83 -31.45 -5.42
C PRO A 370 -9.92 -30.93 -4.31
N PRO A 371 -10.49 -30.28 -3.29
CA PRO A 371 -9.66 -29.71 -2.21
C PRO A 371 -8.74 -30.76 -1.59
N GLN A 372 -7.55 -30.34 -1.20
CA GLN A 372 -6.61 -31.16 -0.44
C GLN A 372 -5.97 -30.32 0.64
N TRP A 373 -5.63 -30.96 1.76
CA TRP A 373 -5.03 -30.20 2.84
C TRP A 373 -4.15 -31.09 3.71
N ILE A 374 -3.28 -30.44 4.49
CA ILE A 374 -2.34 -31.11 5.38
C ILE A 374 -2.28 -30.29 6.66
N CYS A 375 -2.80 -30.84 7.76
CA CYS A 375 -2.60 -30.23 9.06
C CYS A 375 -1.12 -30.41 9.46
N CYS A 376 -0.43 -29.30 9.70
CA CYS A 376 1.01 -29.40 9.96
C CYS A 376 1.50 -28.12 10.59
N ASP A 377 2.71 -28.19 11.11
CA ASP A 377 3.48 -27.01 11.46
C ASP A 377 4.33 -26.68 10.23
N ILE A 378 4.03 -25.55 9.61
CA ILE A 378 4.64 -25.23 8.33
C ILE A 378 6.14 -25.01 8.48
N ARG A 379 6.60 -24.69 9.70
CA ARG A 379 8.04 -24.57 9.94
C ARG A 379 8.78 -25.90 9.71
N TYR A 380 8.12 -27.03 9.97
CA TYR A 380 8.81 -28.31 9.98
C TYR A 380 8.46 -29.24 8.84
N LEU A 381 7.36 -28.98 8.12
CA LEU A 381 6.99 -29.87 7.03
C LEU A 381 7.99 -29.76 5.88
N ASP A 382 8.35 -30.92 5.33
CA ASP A 382 9.23 -30.98 4.16
C ASP A 382 8.37 -30.71 2.94
N VAL A 383 8.27 -29.43 2.55
CA VAL A 383 7.39 -29.06 1.46
C VAL A 383 7.90 -29.51 0.10
N SER A 384 9.11 -30.08 0.05
CA SER A 384 9.64 -30.60 -1.21
C SER A 384 8.76 -31.72 -1.77
N ILE A 385 8.04 -32.45 -0.91
CA ILE A 385 7.21 -33.56 -1.37
C ILE A 385 6.00 -33.09 -2.16
N LEU A 386 5.70 -31.79 -2.11
CA LEU A 386 4.46 -31.25 -2.66
C LEU A 386 4.56 -30.91 -4.14
N GLY A 387 5.76 -30.81 -4.69
CA GLY A 387 5.87 -30.41 -6.07
C GLY A 387 5.93 -28.91 -6.25
N LYS A 388 5.61 -28.50 -7.48
CA LYS A 388 5.71 -27.13 -7.93
C LYS A 388 4.34 -26.57 -8.22
N PHE A 389 4.17 -25.27 -8.02
CA PHE A 389 2.87 -24.63 -8.07
C PHE A 389 2.92 -23.37 -8.91
N ALA A 390 1.85 -23.13 -9.67
CA ALA A 390 1.76 -21.90 -10.43
C ALA A 390 1.49 -20.69 -9.55
N VAL A 391 0.85 -20.88 -8.39
CA VAL A 391 0.49 -19.80 -7.49
C VAL A 391 0.70 -20.27 -6.06
N VAL A 392 1.31 -19.43 -5.25
CA VAL A 392 1.42 -19.60 -3.81
C VAL A 392 0.69 -18.43 -3.15
N MET A 393 -0.13 -18.73 -2.14
CA MET A 393 -0.76 -17.69 -1.33
C MET A 393 -0.50 -17.94 0.14
N ALA A 394 -0.25 -16.86 0.89
CA ALA A 394 0.04 -16.99 2.31
C ALA A 394 -0.56 -15.83 3.10
N ASP A 395 -1.12 -16.15 4.26
CA ASP A 395 -1.65 -15.18 5.21
C ASP A 395 -0.96 -15.39 6.55
N PRO A 396 0.33 -15.07 6.64
CA PRO A 396 1.16 -15.58 7.76
C PRO A 396 0.80 -14.91 9.08
N PRO A 397 1.04 -15.58 10.21
CA PRO A 397 0.83 -14.97 11.54
C PRO A 397 2.00 -14.09 11.93
N TRP A 398 2.12 -12.95 11.23
CA TRP A 398 3.22 -12.03 11.46
C TRP A 398 3.32 -11.62 12.92
N ASP A 399 4.55 -11.48 13.40
CA ASP A 399 4.81 -11.04 14.76
C ASP A 399 4.74 -9.52 14.81
N ILE A 400 3.53 -9.00 14.92
CA ILE A 400 3.39 -7.56 15.00
C ILE A 400 2.82 -7.17 16.35
N GLY A 407 -0.54 -16.84 18.50
CA GLY A 407 0.46 -17.75 17.96
C GLY A 407 1.13 -17.23 16.70
N THR A 408 2.29 -16.60 16.85
CA THR A 408 2.99 -15.98 15.73
C THR A 408 4.27 -16.73 15.38
N LEU A 409 4.83 -16.36 14.24
CA LEU A 409 6.13 -16.79 13.77
C LEU A 409 7.08 -15.61 13.84
N THR A 410 8.30 -15.84 14.32
CA THR A 410 9.24 -14.74 14.42
C THR A 410 9.70 -14.34 13.02
N ASP A 411 10.29 -13.15 12.93
CA ASP A 411 10.83 -12.68 11.66
C ASP A 411 11.80 -13.69 11.07
N ASP A 412 12.64 -14.32 11.89
CA ASP A 412 13.61 -15.28 11.34
C ASP A 412 12.91 -16.56 10.86
N GLU A 413 11.86 -16.98 11.56
CA GLU A 413 11.11 -18.15 11.09
C GLU A 413 10.42 -17.86 9.76
N MET A 414 9.83 -16.68 9.62
CA MET A 414 9.27 -16.29 8.33
C MET A 414 10.32 -16.30 7.23
N ARG A 415 11.47 -15.67 7.48
CA ARG A 415 12.55 -15.65 6.50
C ARG A 415 12.99 -17.06 6.13
N ARG A 416 13.04 -17.97 7.11
CA ARG A 416 13.55 -19.31 6.87
C ARG A 416 12.54 -20.23 6.17
N LEU A 417 11.27 -19.83 6.04
CA LEU A 417 10.28 -20.72 5.41
C LEU A 417 10.75 -21.13 4.02
N ASN A 418 10.57 -22.40 3.69
CA ASN A 418 11.12 -22.92 2.44
C ASN A 418 10.18 -22.63 1.27
N ILE A 419 9.83 -21.34 1.12
CA ILE A 419 9.06 -20.93 -0.06
C ILE A 419 9.80 -21.18 -1.36
N PRO A 420 11.12 -20.96 -1.49
CA PRO A 420 11.76 -21.09 -2.80
C PRO A 420 11.54 -22.44 -3.50
N VAL A 421 11.35 -23.54 -2.76
CA VAL A 421 11.22 -24.83 -3.43
C VAL A 421 9.84 -25.03 -4.03
N LEU A 422 8.87 -24.16 -3.71
CA LEU A 422 7.49 -24.36 -4.14
C LEU A 422 7.22 -23.97 -5.58
N GLN A 423 8.03 -23.11 -6.19
CA GLN A 423 7.75 -22.68 -7.56
C GLN A 423 9.03 -22.55 -8.36
N ASP A 424 8.91 -22.72 -9.67
CA ASP A 424 9.90 -22.32 -10.67
C ASP A 424 9.49 -21.05 -11.39
N ASP A 425 8.25 -20.98 -11.87
CA ASP A 425 7.73 -19.81 -12.54
C ASP A 425 6.30 -19.59 -12.09
N GLY A 426 6.05 -18.47 -11.42
CA GLY A 426 4.68 -18.19 -11.04
C GLY A 426 4.62 -17.03 -10.07
N PHE A 427 3.46 -16.93 -9.44
CA PHE A 427 3.09 -15.75 -8.68
C PHE A 427 2.88 -16.13 -7.21
N LEU A 428 3.20 -15.18 -6.34
CA LEU A 428 3.04 -15.30 -4.90
C LEU A 428 2.10 -14.19 -4.40
N PHE A 429 1.11 -14.56 -3.58
CA PHE A 429 0.18 -13.62 -2.98
C PHE A 429 0.40 -13.64 -1.47
N LEU A 430 0.81 -12.50 -0.90
CA LEU A 430 1.33 -12.43 0.47
C LEU A 430 0.60 -11.34 1.26
N TRP A 431 -0.33 -11.74 2.14
CA TRP A 431 -1.07 -10.76 2.94
C TRP A 431 -0.15 -10.15 3.99
N VAL A 432 -0.26 -8.83 4.18
CA VAL A 432 0.62 -8.10 5.09
C VAL A 432 -0.20 -7.02 5.80
N THR A 433 0.33 -6.58 6.95
CA THR A 433 -0.24 -5.44 7.65
C THR A 433 0.81 -4.90 8.60
N GLY A 434 0.64 -3.66 9.02
CA GLY A 434 1.57 -3.10 9.99
C GLY A 434 2.98 -3.12 9.46
N ARG A 435 3.93 -3.43 10.35
CA ARG A 435 5.31 -3.51 9.91
C ARG A 435 5.57 -4.68 8.95
N ALA A 436 4.63 -5.63 8.82
CA ALA A 436 4.80 -6.67 7.80
C ALA A 436 4.70 -6.13 6.39
N MET A 437 4.17 -4.91 6.20
CA MET A 437 4.25 -4.31 4.88
C MET A 437 5.69 -4.23 4.43
N GLU A 438 6.60 -3.96 5.38
CA GLU A 438 8.03 -3.89 5.08
C GLU A 438 8.69 -5.26 5.22
N LEU A 439 8.38 -5.99 6.30
CA LEU A 439 8.94 -7.32 6.47
C LEU A 439 8.53 -8.24 5.34
N GLY A 440 7.28 -8.13 4.88
CA GLY A 440 6.81 -9.02 3.82
C GLY A 440 7.49 -8.76 2.50
N ARG A 441 7.82 -7.50 2.23
CA ARG A 441 8.64 -7.18 1.06
C ARG A 441 10.00 -7.84 1.17
N GLU A 442 10.58 -7.81 2.37
CA GLU A 442 11.88 -8.44 2.60
C GLU A 442 11.80 -9.95 2.33
N CYS A 443 10.85 -10.63 2.98
CA CYS A 443 10.70 -12.07 2.76
C CYS A 443 10.49 -12.37 1.29
N LEU A 444 9.56 -11.63 0.67
CA LEU A 444 9.28 -11.80 -0.75
C LEU A 444 10.56 -11.75 -1.58
N ASN A 445 11.38 -10.72 -1.35
CA ASN A 445 12.61 -10.60 -2.12
C ASN A 445 13.61 -11.69 -1.73
N LEU A 446 13.74 -11.97 -0.42
CA LEU A 446 14.66 -13.01 0.01
C LEU A 446 14.30 -14.35 -0.62
N TRP A 447 13.01 -14.63 -0.76
CA TRP A 447 12.56 -15.89 -1.35
C TRP A 447 12.72 -15.94 -2.86
N GLY A 448 13.21 -14.87 -3.48
CA GLY A 448 13.44 -14.86 -4.92
C GLY A 448 12.35 -14.22 -5.78
N TYR A 449 11.41 -13.49 -5.20
CA TYR A 449 10.35 -12.85 -5.97
C TYR A 449 10.64 -11.37 -6.18
N GLU A 450 10.01 -10.82 -7.22
CA GLU A 450 9.92 -9.37 -7.42
C GLU A 450 8.46 -8.95 -7.22
N ARG A 451 8.23 -7.94 -6.37
CA ARG A 451 6.86 -7.47 -6.17
C ARG A 451 6.42 -6.69 -7.41
N VAL A 452 5.39 -7.17 -8.10
CA VAL A 452 4.90 -6.54 -9.31
C VAL A 452 3.50 -5.97 -9.17
N ASP A 453 2.82 -6.23 -8.05
CA ASP A 453 1.49 -5.67 -7.86
C ASP A 453 1.19 -5.68 -6.36
N GLU A 454 0.10 -5.01 -6.00
CA GLU A 454 -0.33 -4.95 -4.62
C GLU A 454 -1.85 -4.82 -4.64
N ILE A 455 -2.54 -5.82 -4.15
CA ILE A 455 -3.99 -5.84 -4.07
C ILE A 455 -4.44 -5.21 -2.78
N ILE A 456 -5.49 -4.41 -2.86
CA ILE A 456 -6.11 -3.77 -1.71
C ILE A 456 -7.51 -4.34 -1.54
N TRP A 457 -7.78 -4.90 -0.38
CA TRP A 457 -9.15 -5.32 -0.02
C TRP A 457 -9.78 -4.19 0.78
N VAL A 458 -10.78 -3.53 0.20
CA VAL A 458 -11.59 -2.56 0.93
C VAL A 458 -12.66 -3.31 1.71
N LYS A 459 -12.67 -3.13 3.02
CA LYS A 459 -13.56 -3.85 3.92
C LYS A 459 -14.88 -3.11 4.04
N THR A 460 -15.99 -3.83 3.83
CA THR A 460 -17.32 -3.25 3.91
C THR A 460 -18.24 -4.14 4.76
N ASN A 461 -19.31 -3.53 5.27
CA ASN A 461 -20.40 -4.29 5.87
C ASN A 461 -21.31 -4.80 4.75
N GLN A 462 -22.45 -5.40 5.12
CA GLN A 462 -23.33 -5.94 4.09
C GLN A 462 -24.07 -4.86 3.32
N LEU A 463 -23.92 -3.58 3.70
CA LEU A 463 -24.53 -2.47 2.97
C LEU A 463 -23.52 -1.69 2.13
N GLN A 464 -22.37 -2.28 1.85
CA GLN A 464 -21.32 -1.68 1.01
C GLN A 464 -20.83 -0.35 1.58
N ARG A 465 -20.76 -0.27 2.90
CA ARG A 465 -20.15 0.85 3.62
C ARG A 465 -18.84 0.40 4.22
N ILE A 466 -17.82 1.25 4.14
CA ILE A 466 -16.52 0.90 4.70
C ILE A 466 -16.62 0.75 6.21
N ILE A 467 -15.99 -0.30 6.74
CA ILE A 467 -15.92 -0.48 8.19
C ILE A 467 -15.07 0.63 8.85
N HIS A 474 -2.76 3.58 13.81
CA HIS A 474 -2.68 4.46 14.98
C HIS A 474 -3.13 5.90 14.65
N TRP A 475 -2.53 6.50 13.61
CA TRP A 475 -2.91 7.85 13.21
C TRP A 475 -4.23 7.87 12.45
N LEU A 476 -4.55 6.76 11.78
CA LEU A 476 -5.66 6.68 10.87
C LEU A 476 -6.42 5.39 11.11
N ASN A 477 -7.74 5.44 10.99
CA ASN A 477 -8.53 4.23 11.03
C ASN A 477 -8.38 3.50 9.70
N HIS A 478 -8.39 2.18 9.75
CA HIS A 478 -7.99 1.36 8.62
C HIS A 478 -9.22 0.79 7.93
N GLY A 479 -9.38 1.10 6.65
CA GLY A 479 -10.46 0.57 5.84
C GLY A 479 -10.06 -0.56 4.91
N LYS A 480 -8.85 -1.09 5.02
CA LYS A 480 -8.32 -1.95 3.97
C LYS A 480 -7.23 -2.86 4.50
N GLU A 481 -6.98 -3.92 3.75
CA GLU A 481 -5.84 -4.79 3.99
C GLU A 481 -5.12 -5.03 2.67
N HIS A 482 -3.82 -5.28 2.77
CA HIS A 482 -2.92 -5.33 1.62
C HIS A 482 -2.45 -6.75 1.36
N CYS A 483 -2.30 -7.07 0.07
CA CYS A 483 -1.80 -8.38 -0.33
C CYS A 483 -0.77 -8.14 -1.44
N LEU A 484 0.50 -8.36 -1.12
CA LEU A 484 1.55 -8.17 -2.11
C LEU A 484 1.48 -9.27 -3.16
N VAL A 485 1.76 -8.91 -4.41
CA VAL A 485 1.85 -9.87 -5.52
C VAL A 485 3.30 -9.88 -6.01
N GLY A 486 3.99 -10.99 -5.78
CA GLY A 486 5.34 -11.20 -6.28
C GLY A 486 5.33 -12.17 -7.45
N VAL A 487 6.33 -12.04 -8.32
CA VAL A 487 6.52 -12.92 -9.47
C VAL A 487 7.92 -13.54 -9.38
N LYS A 488 8.03 -14.82 -9.75
CA LYS A 488 9.29 -15.55 -9.80
C LYS A 488 9.44 -16.18 -11.17
N GLY A 489 10.66 -16.11 -11.72
CA GLY A 489 10.93 -16.73 -13.00
C GLY A 489 10.25 -16.02 -14.15
N ASN A 490 9.78 -16.80 -15.12
CA ASN A 490 9.03 -16.28 -16.26
C ASN A 490 7.73 -17.07 -16.41
N PRO A 491 6.66 -16.63 -15.77
CA PRO A 491 5.37 -17.30 -15.95
C PRO A 491 4.82 -17.03 -17.35
N GLN A 492 4.34 -18.09 -17.99
CA GLN A 492 3.78 -17.97 -19.34
C GLN A 492 2.37 -18.53 -19.35
N GLY A 493 1.51 -17.92 -20.17
CA GLY A 493 0.14 -18.38 -20.30
C GLY A 493 -0.80 -17.98 -19.18
N PHE A 494 -0.43 -17.01 -18.35
CA PHE A 494 -1.37 -16.46 -17.39
C PHE A 494 -2.17 -15.36 -18.06
N ASN A 495 -3.38 -15.12 -17.56
CA ASN A 495 -4.25 -14.10 -18.13
C ASN A 495 -4.12 -12.83 -17.31
N GLN A 496 -3.04 -12.10 -17.56
CA GLN A 496 -2.75 -10.91 -16.78
C GLN A 496 -3.68 -9.79 -17.20
N GLY A 497 -4.12 -8.99 -16.23
CA GLY A 497 -4.95 -7.84 -16.52
C GLY A 497 -6.45 -8.09 -16.65
N LEU A 498 -6.94 -9.28 -16.30
CA LEU A 498 -8.37 -9.51 -16.34
C LEU A 498 -9.09 -8.85 -15.17
N ASP A 499 -8.50 -8.90 -13.98
CA ASP A 499 -9.08 -8.29 -12.80
C ASP A 499 -8.32 -7.01 -12.44
N CYS A 500 -8.93 -6.19 -11.60
CA CYS A 500 -8.19 -5.05 -11.11
CA CYS A 500 -8.40 -4.99 -10.99
C CYS A 500 -7.67 -5.32 -9.71
N ASP A 501 -6.88 -4.36 -9.21
CA ASP A 501 -6.14 -4.55 -7.97
C ASP A 501 -6.89 -4.05 -6.75
N VAL A 502 -8.20 -3.87 -6.84
CA VAL A 502 -9.01 -3.48 -5.68
C VAL A 502 -10.09 -4.54 -5.50
N ILE A 503 -10.21 -5.06 -4.28
CA ILE A 503 -11.31 -5.95 -3.90
C ILE A 503 -12.22 -5.21 -2.94
N VAL A 504 -13.53 -5.29 -3.18
CA VAL A 504 -14.54 -4.74 -2.28
C VAL A 504 -15.44 -5.91 -1.86
N ALA A 505 -15.42 -6.26 -0.58
CA ALA A 505 -16.09 -7.47 -0.10
C ALA A 505 -16.34 -7.35 1.39
N GLU A 506 -17.33 -8.13 1.84
CA GLU A 506 -17.79 -8.06 3.23
C GLU A 506 -16.80 -8.69 4.19
N VAL A 507 -16.62 -8.03 5.34
CA VAL A 507 -15.85 -8.60 6.45
C VAL A 507 -16.62 -9.78 7.03
N ARG A 508 -15.92 -10.88 7.27
CA ARG A 508 -16.50 -12.02 8.00
C ARG A 508 -15.77 -12.22 9.32
N SER A 509 -15.50 -13.48 9.68
CA SER A 509 -14.76 -13.73 10.91
C SER A 509 -13.39 -13.05 10.85
N THR A 510 -12.75 -12.93 12.02
CA THR A 510 -11.50 -12.20 12.11
C THR A 510 -10.37 -12.94 11.39
N SER A 511 -9.51 -12.17 10.73
CA SER A 511 -8.42 -12.65 9.88
C SER A 511 -8.93 -13.52 8.73
N HIS A 512 -10.23 -13.55 8.50
CA HIS A 512 -10.79 -14.30 7.38
C HIS A 512 -10.74 -13.40 6.14
N LYS A 513 -9.93 -13.77 5.15
CA LYS A 513 -9.77 -13.02 3.92
C LYS A 513 -10.89 -13.36 2.92
N PRO A 514 -11.20 -12.46 1.99
CA PRO A 514 -12.36 -12.68 1.11
C PRO A 514 -12.16 -13.82 0.13
N ASP A 515 -13.26 -14.51 -0.19
CA ASP A 515 -13.24 -15.61 -1.16
C ASP A 515 -13.00 -15.12 -2.57
N GLU A 516 -13.27 -13.84 -2.84
CA GLU A 516 -13.05 -13.26 -4.16
C GLU A 516 -11.63 -13.50 -4.67
N ILE A 517 -10.64 -13.59 -3.78
CA ILE A 517 -9.25 -13.76 -4.21
C ILE A 517 -9.08 -15.08 -4.98
N TYR A 518 -9.80 -16.14 -4.58
CA TYR A 518 -9.68 -17.42 -5.30
C TYR A 518 -10.16 -17.28 -6.74
N GLY A 519 -11.23 -16.52 -6.97
CA GLY A 519 -11.72 -16.34 -8.34
C GLY A 519 -10.80 -15.48 -9.18
N MET A 520 -10.25 -14.41 -8.60
CA MET A 520 -9.17 -13.67 -9.25
C MET A 520 -8.02 -14.59 -9.64
N ILE A 521 -7.58 -15.42 -8.69
CA ILE A 521 -6.42 -16.27 -8.96
C ILE A 521 -6.78 -17.35 -9.99
N GLU A 522 -8.01 -17.85 -9.96
CA GLU A 522 -8.44 -18.83 -10.95
C GLU A 522 -8.49 -18.23 -12.35
N ARG A 523 -9.05 -17.02 -12.50
CA ARG A 523 -9.07 -16.41 -13.82
C ARG A 523 -7.65 -16.13 -14.31
N LEU A 524 -6.76 -15.75 -13.40
CA LEU A 524 -5.39 -15.46 -13.80
C LEU A 524 -4.67 -16.70 -14.32
N SER A 525 -4.94 -17.86 -13.71
CA SER A 525 -4.17 -19.06 -13.98
C SER A 525 -5.10 -20.27 -13.86
N PRO A 526 -5.94 -20.48 -14.87
CA PRO A 526 -7.00 -21.50 -14.74
C PRO A 526 -6.44 -22.91 -14.82
N GLY A 527 -6.98 -23.77 -13.95
CA GLY A 527 -6.66 -25.18 -13.95
C GLY A 527 -5.32 -25.59 -13.38
N THR A 528 -4.49 -24.65 -12.92
CA THR A 528 -3.15 -24.99 -12.45
C THR A 528 -3.15 -25.36 -10.97
N ARG A 529 -2.06 -26.01 -10.54
CA ARG A 529 -1.84 -26.35 -9.13
C ARG A 529 -1.50 -25.11 -8.30
N LYS A 530 -2.10 -25.01 -7.12
CA LYS A 530 -1.94 -23.85 -6.26
C LYS A 530 -1.81 -24.31 -4.82
N ILE A 531 -1.12 -23.53 -4.00
CA ILE A 531 -0.90 -23.93 -2.62
C ILE A 531 -1.07 -22.73 -1.71
N GLU A 532 -1.79 -22.93 -0.61
CA GLU A 532 -2.03 -21.89 0.38
C GLU A 532 -1.35 -22.27 1.68
N LEU A 533 -0.61 -21.36 2.26
CA LEU A 533 0.02 -21.57 3.54
C LEU A 533 -0.73 -20.79 4.63
N PHE A 534 -0.82 -21.40 5.82
CA PHE A 534 -1.53 -20.82 6.96
C PHE A 534 -3.03 -20.67 6.67
N GLY A 535 -3.58 -21.62 5.94
CA GLY A 535 -5.00 -21.63 5.68
C GLY A 535 -5.75 -22.38 6.76
N ARG A 536 -7.01 -22.03 6.93
CA ARG A 536 -7.94 -22.66 7.85
C ARG A 536 -8.97 -23.44 7.05
N PRO A 537 -9.84 -24.23 7.72
CA PRO A 537 -10.77 -25.10 6.96
C PRO A 537 -11.60 -24.39 5.89
N HIS A 538 -12.05 -23.17 6.14
CA HIS A 538 -12.84 -22.47 5.13
C HIS A 538 -12.01 -22.06 3.91
N ASN A 539 -10.70 -22.21 3.95
CA ASN A 539 -9.85 -21.82 2.83
C ASN A 539 -9.70 -22.91 1.78
N VAL A 540 -10.04 -24.16 2.08
CA VAL A 540 -9.75 -25.22 1.12
C VAL A 540 -10.64 -25.06 -0.10
N GLN A 541 -10.05 -25.24 -1.28
CA GLN A 541 -10.68 -24.98 -2.56
C GLN A 541 -10.20 -26.01 -3.56
N PRO A 542 -10.96 -26.23 -4.65
CA PRO A 542 -10.44 -27.09 -5.73
C PRO A 542 -9.20 -26.49 -6.35
N ASN A 543 -8.33 -27.36 -6.87
CA ASN A 543 -7.01 -27.05 -7.42
C ASN A 543 -6.03 -26.53 -6.37
N TRP A 544 -6.42 -26.42 -5.10
CA TRP A 544 -5.54 -25.91 -4.05
C TRP A 544 -5.18 -27.02 -3.07
N ILE A 545 -3.95 -26.95 -2.57
CA ILE A 545 -3.51 -27.71 -1.41
C ILE A 545 -3.36 -26.72 -0.29
N THR A 546 -4.00 -26.97 0.85
CA THR A 546 -3.98 -26.03 1.95
C THR A 546 -3.14 -26.59 3.09
N LEU A 547 -2.21 -25.78 3.62
CA LEU A 547 -1.42 -26.14 4.78
C LEU A 547 -1.72 -25.18 5.92
N GLY A 548 -1.77 -25.71 7.14
CA GLY A 548 -2.14 -24.95 8.31
C GLY A 548 -2.29 -25.85 9.52
N ASN A 549 -2.16 -25.30 10.73
CA ASN A 549 -2.20 -26.13 11.92
C ASN A 549 -3.58 -26.23 12.55
N GLN A 550 -4.59 -25.56 11.97
CA GLN A 550 -5.98 -25.71 12.40
C GLN A 550 -6.83 -26.47 11.38
N LEU A 551 -6.21 -27.18 10.44
CA LEU A 551 -6.96 -28.07 9.58
C LEU A 551 -7.11 -29.44 10.23
N ASP A 552 -8.00 -30.26 9.67
CA ASP A 552 -8.45 -31.50 10.29
C ASP A 552 -7.75 -32.66 9.59
N GLY A 553 -6.59 -33.06 10.12
CA GLY A 553 -5.90 -34.22 9.59
C GLY A 553 -5.23 -33.95 8.26
N ILE A 554 -5.09 -35.01 7.46
CA ILE A 554 -4.41 -34.96 6.17
C ILE A 554 -5.36 -35.53 5.12
N HIS A 555 -5.54 -34.82 4.01
CA HIS A 555 -6.47 -35.24 2.96
C HIS A 555 -5.82 -34.99 1.61
N LEU A 556 -5.24 -36.04 1.02
CA LEU A 556 -4.46 -35.94 -0.20
C LEU A 556 -5.00 -36.91 -1.25
N LEU A 557 -5.06 -36.46 -2.50
CA LEU A 557 -5.68 -37.23 -3.57
C LEU A 557 -4.78 -37.32 -4.81
N ASP A 558 -3.91 -36.34 -5.02
CA ASP A 558 -2.95 -36.39 -6.09
C ASP A 558 -1.98 -37.54 -5.85
N PRO A 559 -1.98 -38.57 -6.70
CA PRO A 559 -1.18 -39.76 -6.38
C PRO A 559 0.31 -39.49 -6.33
N ASP A 560 0.82 -38.58 -7.18
CA ASP A 560 2.22 -38.22 -7.09
C ASP A 560 2.55 -37.63 -5.72
N VAL A 561 1.66 -36.78 -5.19
CA VAL A 561 1.84 -36.24 -3.84
C VAL A 561 1.68 -37.34 -2.80
N VAL A 562 0.67 -38.20 -2.96
CA VAL A 562 0.45 -39.29 -2.02
C VAL A 562 1.70 -40.18 -1.92
N ALA A 563 2.31 -40.51 -3.07
CA ALA A 563 3.50 -41.35 -3.06
C ALA A 563 4.67 -40.68 -2.35
N ARG A 564 4.95 -39.42 -2.70
CA ARG A 564 6.07 -38.75 -2.04
C ARG A 564 5.80 -38.56 -0.55
N PHE A 565 4.55 -38.35 -0.15
CA PHE A 565 4.25 -38.21 1.27
C PHE A 565 4.52 -39.51 2.03
N LYS A 566 4.08 -40.64 1.48
CA LYS A 566 4.33 -41.93 2.13
C LYS A 566 5.81 -42.25 2.18
N GLN A 567 6.55 -41.90 1.12
CA GLN A 567 8.00 -42.13 1.11
C GLN A 567 8.69 -41.33 2.19
N ARG A 568 8.27 -40.09 2.41
CA ARG A 568 8.95 -39.20 3.35
C ARG A 568 8.44 -39.38 4.78
N TYR A 569 7.15 -39.64 4.94
CA TYR A 569 6.52 -39.78 6.25
C TYR A 569 5.80 -41.13 6.30
N PRO A 570 6.56 -42.24 6.34
CA PRO A 570 5.90 -43.56 6.31
C PRO A 570 4.97 -43.79 7.49
N ASP A 571 5.32 -43.29 8.67
CA ASP A 571 4.48 -43.46 9.85
C ASP A 571 3.47 -42.33 10.02
N GLY A 572 3.43 -41.37 9.10
CA GLY A 572 2.41 -40.33 9.12
C GLY A 572 2.55 -39.25 10.18
N ILE A 573 3.76 -38.87 10.54
CA ILE A 573 4.01 -37.83 11.55
C ILE A 573 4.98 -36.81 10.97
N ILE A 574 4.77 -35.52 11.32
CA ILE A 574 5.73 -34.49 10.89
C ILE A 574 6.30 -33.71 12.10
N SER A 575 7.37 -34.22 12.73
CA SER A 575 8.05 -33.48 13.79
C SER A 575 9.39 -32.95 13.30
N LYS A 576 9.99 -32.06 14.10
CA LYS A 576 11.33 -31.53 13.82
C LYS A 576 11.44 -30.88 12.44
N ASN B 117 -22.89 -9.57 -5.39
CA ASN B 117 -22.09 -10.37 -4.47
C ASN B 117 -20.59 -10.25 -4.74
N ASP B 118 -20.13 -10.80 -5.88
CA ASP B 118 -18.70 -10.80 -6.23
C ASP B 118 -18.44 -9.67 -7.21
N TYR B 119 -17.88 -8.57 -6.69
CA TYR B 119 -17.60 -7.40 -7.52
C TYR B 119 -16.40 -7.61 -8.45
N CYS B 120 -15.52 -8.56 -8.13
CA CYS B 120 -14.41 -8.87 -9.04
C CYS B 120 -14.93 -9.46 -10.34
N GLN B 121 -15.73 -10.52 -10.20
CA GLN B 121 -16.39 -11.12 -11.35
C GLN B 121 -17.22 -10.08 -12.10
N HIS B 122 -17.94 -9.23 -11.37
CA HIS B 122 -18.73 -8.18 -12.01
C HIS B 122 -17.85 -7.24 -12.82
N PHE B 123 -16.66 -6.90 -12.31
CA PHE B 123 -15.77 -6.04 -13.08
C PHE B 123 -15.32 -6.74 -14.36
N VAL B 124 -15.02 -8.03 -14.27
CA VAL B 124 -14.64 -8.76 -15.48
C VAL B 124 -15.79 -8.74 -16.49
N ASP B 125 -17.04 -8.85 -16.01
CA ASP B 125 -18.19 -8.92 -16.90
C ASP B 125 -18.53 -7.57 -17.53
N THR B 126 -18.46 -6.48 -16.73
CA THR B 126 -19.03 -5.20 -17.14
C THR B 126 -18.03 -4.07 -17.25
N GLY B 127 -16.85 -4.17 -16.65
CA GLY B 127 -15.89 -3.08 -16.66
C GLY B 127 -16.05 -2.07 -15.54
N HIS B 128 -17.06 -2.24 -14.70
CA HIS B 128 -17.27 -1.41 -13.51
C HIS B 128 -16.35 -1.89 -12.40
N ARG B 129 -15.36 -1.07 -12.05
CA ARG B 129 -14.46 -1.40 -10.96
C ARG B 129 -15.26 -1.68 -9.70
N PRO B 130 -14.80 -2.62 -8.88
CA PRO B 130 -15.50 -2.88 -7.60
C PRO B 130 -15.70 -1.63 -6.77
N GLN B 131 -14.76 -0.67 -6.82
CA GLN B 131 -14.89 0.51 -5.96
C GLN B 131 -16.03 1.42 -6.41
N ASN B 132 -16.55 1.25 -7.63
CA ASN B 132 -17.73 1.99 -8.07
C ASN B 132 -18.92 1.79 -7.15
N PHE B 133 -18.98 0.67 -6.43
CA PHE B 133 -20.14 0.30 -5.65
C PHE B 133 -19.98 0.52 -4.16
N ILE B 134 -18.88 1.13 -3.72
CA ILE B 134 -18.83 1.57 -2.32
C ILE B 134 -19.81 2.72 -2.12
N ARG B 135 -20.62 2.60 -1.08
CA ARG B 135 -21.61 3.61 -0.75
C ARG B 135 -21.04 4.62 0.24
N ASP B 136 -21.49 5.87 0.11
CA ASP B 136 -21.19 6.95 1.05
C ASP B 136 -19.69 7.17 1.16
N VAL B 137 -19.09 7.62 0.04
CA VAL B 137 -17.60 7.62 -0.09
C VAL B 137 -17.13 8.82 0.69
N GLU B 151 -19.41 15.97 12.49
CA GLU B 151 -20.31 16.66 13.40
C GLU B 151 -19.74 18.03 13.78
N LEU B 152 -18.88 18.04 14.81
CA LEU B 152 -18.12 19.22 15.23
C LEU B 152 -16.76 19.30 14.58
N ILE B 153 -16.64 18.78 13.35
CA ILE B 153 -15.41 18.91 12.59
C ILE B 153 -15.30 20.30 12.00
N ARG B 154 -16.43 20.99 11.83
CA ARG B 154 -16.41 22.32 11.26
C ARG B 154 -15.55 23.27 12.10
N LEU B 155 -15.72 23.24 13.43
CA LEU B 155 -14.90 24.06 14.31
C LEU B 155 -13.41 23.78 14.11
N LYS B 156 -13.04 22.49 14.10
CA LYS B 156 -11.65 22.10 13.84
C LYS B 156 -11.16 22.68 12.51
N ASP B 157 -11.89 22.43 11.42
CA ASP B 157 -11.57 23.05 10.13
C ASP B 157 -11.42 24.57 10.25
N GLU B 158 -12.23 25.20 11.10
CA GLU B 158 -12.17 26.65 11.28
C GLU B 158 -10.92 27.08 12.03
N LEU B 159 -10.56 26.34 13.09
CA LEU B 159 -9.33 26.65 13.81
C LEU B 159 -8.11 26.45 12.91
N ILE B 160 -8.12 25.38 12.10
CA ILE B 160 -7.04 25.20 11.14
C ILE B 160 -6.96 26.40 10.22
N ALA B 161 -8.11 26.88 9.72
CA ALA B 161 -8.10 28.04 8.84
C ALA B 161 -7.57 29.29 9.54
N LYS B 162 -7.87 29.44 10.83
CA LYS B 162 -7.44 30.65 11.52
C LYS B 162 -5.94 30.66 11.75
N SER B 163 -5.34 29.50 12.06
CA SER B 163 -3.92 29.48 12.33
C SER B 163 -3.07 29.32 11.07
N ASN B 164 -3.70 29.13 9.90
CA ASN B 164 -2.96 29.00 8.65
C ASN B 164 -2.17 30.27 8.34
N THR B 165 -0.89 30.10 8.06
CA THR B 165 -0.08 31.17 7.51
C THR B 165 -0.57 31.55 6.12
N PRO B 166 -0.24 32.74 5.64
CA PRO B 166 -0.56 33.07 4.26
C PRO B 166 0.10 32.09 3.32
N PRO B 167 -0.51 31.81 2.17
CA PRO B 167 0.15 30.93 1.20
C PRO B 167 1.49 31.52 0.76
N MET B 168 2.50 30.67 0.71
CA MET B 168 3.79 31.07 0.17
C MET B 168 4.22 30.07 -0.89
N TYR B 169 4.99 30.54 -1.86
CA TYR B 169 5.25 29.73 -3.03
C TYR B 169 6.54 30.23 -3.68
N LEU B 170 7.23 29.30 -4.34
CA LEU B 170 8.53 29.62 -4.94
C LEU B 170 8.71 28.78 -6.19
N GLN B 171 8.98 29.43 -7.32
CA GLN B 171 9.41 28.72 -8.51
C GLN B 171 10.85 28.27 -8.30
N ALA B 172 11.09 26.96 -8.41
CA ALA B 172 12.43 26.44 -8.23
C ALA B 172 12.57 25.16 -9.03
N ASP B 173 13.67 25.05 -9.75
CA ASP B 173 14.00 23.85 -10.50
C ASP B 173 14.75 22.94 -9.52
N ILE B 174 14.01 21.98 -8.95
CA ILE B 174 14.43 21.30 -7.73
C ILE B 174 15.66 20.42 -7.95
N GLU B 175 15.87 19.94 -9.18
CA GLU B 175 17.07 19.17 -9.48
C GLU B 175 18.34 20.01 -9.39
N ALA B 176 18.24 21.33 -9.57
CA ALA B 176 19.39 22.23 -9.63
C ALA B 176 19.45 23.17 -8.43
N PHE B 177 18.57 22.98 -7.46
CA PHE B 177 18.30 23.95 -6.42
C PHE B 177 18.75 23.39 -5.08
N ASP B 178 19.57 24.14 -4.37
CA ASP B 178 20.03 23.66 -3.07
C ASP B 178 18.88 23.79 -2.09
N ILE B 179 18.27 22.65 -1.74
CA ILE B 179 17.08 22.66 -0.89
C ILE B 179 17.37 23.22 0.49
N ARG B 180 18.64 23.29 0.89
CA ARG B 180 18.98 23.86 2.19
C ARG B 180 18.53 25.31 2.33
N GLU B 181 18.35 26.03 1.22
CA GLU B 181 17.87 27.40 1.35
C GLU B 181 16.39 27.47 1.73
N LEU B 182 15.71 26.34 1.80
CA LEU B 182 14.33 26.30 2.28
C LEU B 182 14.39 26.16 3.80
N THR B 183 14.04 27.23 4.50
CA THR B 183 14.08 27.28 5.95
C THR B 183 12.83 28.01 6.44
N PRO B 184 12.41 27.77 7.71
CA PRO B 184 13.07 26.88 8.67
C PRO B 184 12.81 25.43 8.35
N LYS B 185 13.23 24.51 9.23
CA LYS B 185 12.96 23.10 9.03
C LYS B 185 11.47 22.85 9.21
N PHE B 186 10.96 21.88 8.46
CA PHE B 186 9.52 21.73 8.27
C PHE B 186 8.93 20.66 9.19
N ASP B 187 7.69 20.90 9.64
CA ASP B 187 6.97 19.89 10.40
C ASP B 187 6.34 18.84 9.50
N VAL B 188 5.92 19.23 8.30
CA VAL B 188 5.21 18.37 7.36
C VAL B 188 5.79 18.63 6.00
N ILE B 189 6.15 17.55 5.28
CA ILE B 189 6.57 17.65 3.90
C ILE B 189 5.67 16.77 3.05
N LEU B 190 5.08 17.35 2.02
CA LEU B 190 4.31 16.63 1.02
C LEU B 190 5.13 16.62 -0.26
N LEU B 191 5.42 15.44 -0.77
CA LEU B 191 6.36 15.27 -1.88
C LEU B 191 5.61 14.58 -3.00
N GLU B 192 5.52 15.25 -4.15
CA GLU B 192 4.67 14.83 -5.27
C GLU B 192 5.46 14.81 -6.57
N PRO B 193 6.55 14.05 -6.63
CA PRO B 193 7.41 14.07 -7.83
C PRO B 193 6.64 13.61 -9.06
N PRO B 194 6.87 14.23 -10.20
CA PRO B 194 6.14 13.83 -11.42
C PRO B 194 6.71 12.57 -12.05
N LEU B 195 6.09 11.43 -11.75
CA LEU B 195 6.56 10.13 -12.22
C LEU B 195 6.18 9.89 -13.67
N GLU B 196 7.07 9.17 -14.38
CA GLU B 196 6.81 8.82 -15.77
C GLU B 196 5.47 8.12 -15.92
N GLU B 197 5.12 7.26 -14.96
CA GLU B 197 3.88 6.52 -15.06
C GLU B 197 2.65 7.43 -15.05
N TYR B 198 2.76 8.67 -14.56
CA TYR B 198 1.62 9.57 -14.59
C TYR B 198 1.24 9.99 -16.00
N TYR B 199 2.16 9.84 -16.96
CA TYR B 199 1.96 10.26 -18.34
C TYR B 199 1.86 9.02 -19.22
N ARG B 200 0.65 8.73 -19.69
CA ARG B 200 0.39 7.57 -20.55
C ARG B 200 -0.82 7.81 -21.45
N LYS B 209 9.25 17.67 -17.49
CA LYS B 209 10.34 16.78 -17.09
C LYS B 209 9.87 15.74 -16.07
N CYS B 210 10.11 14.45 -16.34
CA CYS B 210 9.72 13.39 -15.43
C CYS B 210 10.87 13.05 -14.48
N TRP B 211 10.52 12.67 -13.26
CA TRP B 211 11.47 12.31 -12.23
C TRP B 211 11.46 10.79 -12.06
N THR B 212 12.64 10.18 -12.18
CA THR B 212 12.78 8.78 -11.83
C THR B 212 12.97 8.64 -10.34
N TRP B 213 12.84 7.41 -9.86
CA TRP B 213 13.13 7.16 -8.45
C TRP B 213 14.61 7.30 -8.14
N ASP B 214 15.47 7.16 -9.15
CA ASP B 214 16.88 7.55 -9.02
C ASP B 214 17.01 9.01 -8.63
N ASP B 215 16.36 9.90 -9.38
CA ASP B 215 16.36 11.33 -9.06
C ASP B 215 15.78 11.57 -7.67
N ILE B 216 14.63 10.98 -7.37
CA ILE B 216 13.94 11.29 -6.13
C ILE B 216 14.81 10.90 -4.95
N MET B 217 15.39 9.69 -5.00
CA MET B 217 16.18 9.18 -3.89
C MET B 217 17.39 10.07 -3.55
N LYS B 218 17.86 10.88 -4.48
CA LYS B 218 19.00 11.75 -4.21
C LYS B 218 18.60 13.11 -3.66
N LEU B 219 17.30 13.37 -3.45
CA LEU B 219 16.88 14.60 -2.80
C LEU B 219 17.33 14.63 -1.35
N GLU B 220 17.74 15.81 -0.89
CA GLU B 220 18.32 15.91 0.46
C GLU B 220 17.24 16.18 1.51
N ILE B 221 16.20 15.33 1.58
CA ILE B 221 15.03 15.67 2.37
C ILE B 221 15.36 15.76 3.85
N ASP B 222 16.30 14.94 4.33
CA ASP B 222 16.68 14.94 5.75
C ASP B 222 17.29 16.27 6.17
N GLU B 223 17.84 17.03 5.24
CA GLU B 223 18.44 18.32 5.57
C GLU B 223 17.42 19.41 5.86
N ILE B 224 16.15 19.22 5.51
CA ILE B 224 15.15 20.23 5.77
C ILE B 224 14.00 19.73 6.62
N ALA B 225 14.03 18.50 7.08
CA ALA B 225 12.97 17.99 7.94
C ALA B 225 13.31 18.30 9.39
N ALA B 226 12.32 18.76 10.15
CA ALA B 226 12.55 19.00 11.56
C ALA B 226 12.81 17.66 12.26
N PRO B 227 13.52 17.69 13.40
CA PRO B 227 13.87 16.42 14.06
C PRO B 227 12.67 15.56 14.38
N ARG B 228 11.55 16.17 14.74
CA ARG B 228 10.26 15.49 14.76
C ARG B 228 9.41 16.09 13.65
N SER B 229 9.07 15.27 12.66
CA SER B 229 8.36 15.77 11.49
C SER B 229 7.76 14.59 10.74
N PHE B 230 6.99 14.90 9.71
CA PHE B 230 6.23 13.91 8.97
C PHE B 230 6.43 14.16 7.48
N ILE B 231 6.23 13.10 6.70
CA ILE B 231 6.29 13.19 5.24
C ILE B 231 5.10 12.45 4.65
N PHE B 232 4.62 12.93 3.52
CA PHE B 232 3.61 12.24 2.74
C PHE B 232 4.15 12.19 1.32
N LEU B 233 4.43 10.99 0.85
CA LEU B 233 5.13 10.77 -0.39
C LEU B 233 4.21 10.01 -1.34
N TRP B 234 3.83 10.65 -2.45
CA TRP B 234 3.03 10.00 -3.48
C TRP B 234 3.93 9.06 -4.26
N CYS B 235 3.59 7.77 -4.26
CA CYS B 235 4.47 6.73 -4.79
C CYS B 235 3.94 6.08 -6.06
N GLY B 236 2.74 6.43 -6.51
CA GLY B 236 2.17 5.86 -7.71
C GLY B 236 1.61 4.48 -7.44
N SER B 237 1.83 3.55 -8.37
CA SER B 237 1.28 2.22 -8.19
C SER B 237 2.24 1.12 -8.66
N GLY B 238 3.47 1.47 -9.04
CA GLY B 238 4.42 0.49 -9.53
C GLY B 238 5.59 0.31 -8.61
N GLU B 239 6.81 0.37 -9.16
CA GLU B 239 8.02 0.21 -8.35
C GLU B 239 8.14 1.26 -7.25
N GLY B 240 7.46 2.42 -7.39
CA GLY B 240 7.49 3.42 -6.33
C GLY B 240 7.03 2.90 -4.99
N LEU B 241 6.19 1.87 -4.98
CA LEU B 241 5.72 1.32 -3.71
C LEU B 241 6.86 0.69 -2.93
N ASP B 242 7.89 0.26 -3.63
CA ASP B 242 9.08 -0.26 -2.99
C ASP B 242 10.13 0.82 -2.85
N LEU B 243 10.41 1.54 -3.94
CA LEU B 243 11.45 2.56 -3.91
C LEU B 243 11.08 3.73 -3.02
N GLY B 244 9.78 4.05 -2.89
CA GLY B 244 9.36 5.08 -1.94
C GLY B 244 9.62 4.70 -0.50
N ARG B 245 9.51 3.42 -0.16
CA ARG B 245 9.88 3.00 1.18
C ARG B 245 11.40 3.08 1.41
N VAL B 246 12.19 2.79 0.36
CA VAL B 246 13.64 3.00 0.44
C VAL B 246 13.95 4.47 0.72
N CYS B 247 13.34 5.38 -0.05
CA CYS B 247 13.44 6.82 0.24
C CYS B 247 13.15 7.17 1.68
N LEU B 248 11.97 6.77 2.14
CA LEU B 248 11.58 7.12 3.51
C LEU B 248 12.66 6.71 4.50
N ARG B 249 13.15 5.47 4.38
CA ARG B 249 14.19 5.02 5.30
C ARG B 249 15.50 5.74 5.06
N LYS B 250 15.82 6.06 3.80
CA LYS B 250 17.03 6.82 3.51
C LYS B 250 17.00 8.19 4.17
N TRP B 251 15.83 8.80 4.27
CA TRP B 251 15.67 10.14 4.85
C TRP B 251 15.41 10.13 6.34
N GLY B 252 15.39 8.96 6.98
CA GLY B 252 15.24 8.88 8.42
C GLY B 252 13.85 8.60 8.93
N TYR B 253 12.88 8.33 8.06
CA TYR B 253 11.51 8.12 8.49
C TYR B 253 11.19 6.64 8.61
N ARG B 254 10.14 6.33 9.37
CA ARG B 254 9.51 5.03 9.29
C ARG B 254 8.06 5.18 8.87
N ARG B 255 7.57 4.27 8.03
CA ARG B 255 6.21 4.39 7.54
C ARG B 255 5.22 4.12 8.65
N CYS B 256 4.28 5.04 8.87
CA CYS B 256 3.23 4.74 9.83
C CYS B 256 1.86 4.53 9.19
N GLU B 257 1.63 5.05 7.97
CA GLU B 257 0.38 4.79 7.27
C GLU B 257 0.66 4.62 5.78
N ASP B 258 -0.19 3.82 5.15
CA ASP B 258 -0.23 3.69 3.70
C ASP B 258 -1.61 4.18 3.26
N ILE B 259 -1.68 5.37 2.69
CA ILE B 259 -2.94 5.98 2.27
C ILE B 259 -3.17 5.65 0.80
N CYS B 260 -4.29 5.02 0.49
N CYS B 260 -4.31 5.03 0.49
CA CYS B 260 -4.57 4.57 -0.86
CA CYS B 260 -4.62 4.58 -0.85
C CYS B 260 -5.64 5.44 -1.52
C CYS B 260 -5.65 5.49 -1.51
N TRP B 261 -5.30 6.02 -2.67
CA TRP B 261 -6.24 6.79 -3.48
C TRP B 261 -6.84 5.82 -4.48
N ILE B 262 -8.10 5.44 -4.26
CA ILE B 262 -8.81 4.44 -5.05
C ILE B 262 -9.65 5.15 -6.11
N LYS B 263 -9.48 4.79 -7.37
CA LYS B 263 -10.07 5.54 -8.48
C LYS B 263 -11.26 4.77 -9.05
N THR B 264 -12.47 5.35 -8.90
CA THR B 264 -13.66 4.80 -9.56
C THR B 264 -13.69 5.17 -11.04
N ASN B 265 -14.42 4.37 -11.80
CA ASN B 265 -14.60 4.62 -13.22
C ASN B 265 -16.08 4.60 -13.58
N LYS B 266 -16.92 5.24 -12.75
CA LYS B 266 -18.37 5.21 -12.97
C LYS B 266 -18.75 5.85 -14.30
N ASN B 267 -18.01 6.86 -14.75
CA ASN B 267 -18.39 7.57 -15.96
C ASN B 267 -17.79 6.96 -17.22
N ASN B 268 -16.89 6.00 -17.08
CA ASN B 268 -16.28 5.40 -18.26
C ASN B 268 -15.86 3.95 -18.00
N PRO B 269 -16.81 3.02 -17.79
CA PRO B 269 -16.52 1.61 -17.52
C PRO B 269 -15.88 0.88 -18.69
N LEU B 275 -0.39 0.27 -18.73
CA LEU B 275 -0.55 -1.15 -18.40
C LEU B 275 0.80 -1.84 -18.45
N ASP B 276 1.65 -1.47 -17.48
CA ASP B 276 3.02 -1.92 -17.21
C ASP B 276 3.20 -3.38 -17.61
N PRO B 277 4.26 -3.71 -18.34
CA PRO B 277 4.50 -5.12 -18.71
C PRO B 277 4.55 -6.07 -17.52
N LYS B 278 5.03 -5.60 -16.37
CA LYS B 278 5.10 -6.44 -15.18
C LYS B 278 3.77 -6.58 -14.46
N ALA B 279 2.78 -5.73 -14.76
CA ALA B 279 1.50 -5.78 -14.07
C ALA B 279 0.83 -7.14 -14.23
N VAL B 280 0.20 -7.59 -13.14
CA VAL B 280 -0.61 -8.81 -13.11
C VAL B 280 -2.07 -8.41 -13.21
N PHE B 281 -2.41 -7.25 -12.68
CA PHE B 281 -3.78 -6.79 -12.58
C PHE B 281 -3.88 -5.37 -13.12
N GLN B 282 -5.11 -4.97 -13.44
CA GLN B 282 -5.33 -3.59 -13.84
C GLN B 282 -5.15 -2.69 -12.62
N ARG B 283 -4.37 -1.64 -12.79
CA ARG B 283 -4.00 -0.79 -11.67
C ARG B 283 -4.98 0.38 -11.59
N THR B 284 -5.71 0.43 -10.47
CA THR B 284 -6.79 1.40 -10.33
C THR B 284 -6.65 2.25 -9.07
N LYS B 285 -5.47 2.32 -8.48
CA LYS B 285 -5.27 3.17 -7.31
C LYS B 285 -3.83 3.67 -7.26
N GLU B 286 -3.58 4.65 -6.38
CA GLU B 286 -2.24 5.17 -6.12
C GLU B 286 -2.03 5.20 -4.61
N HIS B 287 -0.76 5.15 -4.21
CA HIS B 287 -0.41 5.15 -2.80
C HIS B 287 0.34 6.41 -2.41
N CYS B 288 -0.05 6.96 -1.27
CA CYS B 288 0.63 8.05 -0.59
C CYS B 288 1.14 7.52 0.74
N LEU B 289 2.46 7.39 0.91
CA LEU B 289 3.01 6.83 2.13
C LEU B 289 3.25 7.93 3.15
N MET B 290 2.85 7.68 4.40
CA MET B 290 3.06 8.61 5.50
C MET B 290 4.20 8.09 6.36
N GLY B 291 5.19 8.94 6.62
CA GLY B 291 6.35 8.58 7.40
C GLY B 291 6.51 9.54 8.56
N ILE B 292 7.11 9.06 9.65
CA ILE B 292 7.38 9.87 10.84
C ILE B 292 8.85 9.72 11.21
N LYS B 293 9.44 10.81 11.70
CA LYS B 293 10.76 10.76 12.30
C LYS B 293 10.70 11.44 13.65
N GLY B 294 11.53 10.98 14.57
CA GLY B 294 11.47 11.49 15.92
C GLY B 294 10.29 10.91 16.68
N THR B 295 10.06 11.46 17.86
CA THR B 295 8.91 11.08 18.65
C THR B 295 7.65 11.73 18.10
N VAL B 309 -10.88 10.00 13.06
CA VAL B 309 -11.82 10.74 12.21
C VAL B 309 -11.64 10.33 10.75
N ASP B 310 -10.40 10.32 10.29
CA ASP B 310 -10.08 10.05 8.90
C ASP B 310 -9.69 8.58 8.70
N ILE B 311 -9.86 8.12 7.46
CA ILE B 311 -9.56 6.75 7.08
C ILE B 311 -8.40 6.78 6.07
N ASP B 312 -7.69 5.66 5.95
CA ASP B 312 -6.55 5.58 5.04
C ASP B 312 -6.96 5.31 3.60
N LEU B 313 -8.12 5.82 3.19
CA LEU B 313 -8.66 5.65 1.86
C LEU B 313 -9.21 6.98 1.34
N ILE B 314 -8.92 7.28 0.09
CA ILE B 314 -9.50 8.38 -0.64
C ILE B 314 -10.13 7.76 -1.87
N ILE B 315 -11.42 7.99 -2.08
CA ILE B 315 -12.12 7.43 -3.22
C ILE B 315 -12.67 8.57 -4.05
N THR B 316 -12.16 8.72 -5.27
CA THR B 316 -12.68 9.67 -6.23
C THR B 316 -12.67 9.02 -7.61
N GLU B 317 -13.41 9.63 -8.54
CA GLU B 317 -13.40 9.16 -9.92
C GLU B 317 -12.03 9.40 -10.53
N GLU B 318 -11.61 8.46 -11.37
CA GLU B 318 -10.35 8.61 -12.08
C GLU B 318 -10.39 9.89 -12.91
N PRO B 319 -9.36 10.72 -12.85
CA PRO B 319 -9.37 11.97 -13.60
C PRO B 319 -9.09 11.73 -15.08
N GLU B 320 -9.43 12.74 -15.88
CA GLU B 320 -9.22 12.66 -17.32
C GLU B 320 -7.75 12.39 -17.63
N ILE B 321 -7.50 11.72 -18.76
CA ILE B 321 -6.13 11.43 -19.16
C ILE B 321 -5.34 12.74 -19.25
N GLY B 322 -4.05 12.67 -18.94
CA GLY B 322 -3.21 13.84 -18.91
C GLY B 322 -3.36 14.71 -17.67
N ASN B 323 -4.37 14.48 -16.85
CA ASN B 323 -4.53 15.22 -15.61
C ASN B 323 -3.78 14.50 -14.50
N ILE B 324 -2.76 15.17 -13.94
CA ILE B 324 -1.87 14.58 -12.94
C ILE B 324 -2.21 15.00 -11.52
N GLU B 325 -3.24 15.81 -11.32
CA GLU B 325 -3.54 16.32 -9.99
C GLU B 325 -3.90 15.18 -9.05
N LYS B 326 -3.47 15.30 -7.77
CA LYS B 326 -3.89 14.36 -6.74
C LYS B 326 -5.08 14.92 -6.00
N PRO B 327 -5.93 14.08 -5.42
CA PRO B 327 -7.13 14.60 -4.74
C PRO B 327 -6.75 15.54 -3.62
N VAL B 328 -7.40 16.70 -3.59
CA VAL B 328 -7.20 17.70 -2.54
C VAL B 328 -7.54 17.14 -1.17
N GLU B 329 -8.28 16.03 -1.12
CA GLU B 329 -8.59 15.38 0.15
C GLU B 329 -7.34 15.01 0.95
N ILE B 330 -6.20 14.81 0.27
CA ILE B 330 -4.96 14.50 0.99
C ILE B 330 -4.59 15.65 1.91
N PHE B 331 -4.89 16.89 1.52
CA PHE B 331 -4.58 18.03 2.38
C PHE B 331 -5.47 18.04 3.62
N HIS B 332 -6.73 17.64 3.45
CA HIS B 332 -7.62 17.59 4.61
C HIS B 332 -7.12 16.56 5.61
N ILE B 333 -6.68 15.40 5.12
CA ILE B 333 -6.16 14.38 6.03
C ILE B 333 -4.93 14.92 6.77
N ILE B 334 -4.00 15.52 6.02
CA ILE B 334 -2.77 15.99 6.63
C ILE B 334 -3.05 17.04 7.69
N GLU B 335 -3.86 18.04 7.35
CA GLU B 335 -4.12 19.15 8.26
C GLU B 335 -4.94 18.71 9.47
N HIS B 336 -5.80 17.70 9.31
CA HIS B 336 -6.55 17.17 10.45
C HIS B 336 -5.65 16.41 11.44
N PHE B 337 -4.45 16.01 11.05
CA PHE B 337 -3.54 15.42 12.03
C PHE B 337 -3.00 16.44 13.02
N CYS B 338 -3.04 17.74 12.69
CA CYS B 338 -2.52 18.80 13.57
C CYS B 338 -1.05 18.57 13.94
N LEU B 339 -0.23 18.45 12.89
CA LEU B 339 1.18 18.07 13.03
C LEU B 339 2.12 19.25 13.18
N GLY B 340 1.62 20.47 13.05
CA GLY B 340 2.47 21.64 13.06
C GLY B 340 2.21 22.50 11.84
N ARG B 341 2.77 23.70 11.90
CA ARG B 341 2.40 24.74 10.96
C ARG B 341 3.40 24.97 9.83
N ARG B 342 4.61 24.43 9.91
CA ARG B 342 5.57 24.52 8.79
C ARG B 342 5.29 23.37 7.84
N ARG B 343 4.61 23.67 6.75
CA ARG B 343 4.19 22.65 5.81
C ARG B 343 4.73 22.97 4.44
N LEU B 344 5.43 22.01 3.83
CA LEU B 344 6.09 22.19 2.56
C LEU B 344 5.49 21.23 1.56
N HIS B 345 5.20 21.73 0.35
CA HIS B 345 4.68 20.91 -0.75
C HIS B 345 5.68 20.99 -1.90
N LEU B 346 6.50 19.95 -2.04
CA LEU B 346 7.49 19.92 -3.10
C LEU B 346 6.85 19.35 -4.35
N PHE B 347 7.14 19.98 -5.49
CA PHE B 347 6.52 19.73 -6.78
C PHE B 347 5.04 20.09 -6.80
N GLY B 348 4.63 21.02 -5.95
CA GLY B 348 3.33 21.64 -6.11
C GLY B 348 3.23 22.46 -7.38
N ARG B 349 2.07 23.06 -7.64
CA ARG B 349 1.84 23.80 -8.88
C ARG B 349 1.02 25.04 -8.55
N ASP B 350 0.87 25.92 -9.54
CA ASP B 350 -0.03 27.06 -9.36
C ASP B 350 -1.38 26.61 -8.83
N SER B 351 -1.92 25.51 -9.35
CA SER B 351 -3.23 25.01 -8.93
C SER B 351 -3.25 24.35 -7.56
N THR B 352 -2.10 24.07 -6.95
CA THR B 352 -2.12 23.44 -5.63
C THR B 352 -1.83 24.43 -4.50
N ILE B 353 -1.52 25.68 -4.82
CA ILE B 353 -1.19 26.66 -3.79
C ILE B 353 -2.37 26.85 -2.85
N ARG B 354 -2.06 26.91 -1.55
CA ARG B 354 -3.03 26.72 -0.51
C ARG B 354 -2.59 27.44 0.76
N PRO B 355 -3.51 28.08 1.49
CA PRO B 355 -3.13 28.72 2.77
C PRO B 355 -2.56 27.71 3.75
N GLY B 356 -1.60 28.14 4.54
CA GLY B 356 -0.94 27.23 5.46
C GLY B 356 0.19 26.41 4.87
N TRP B 357 0.51 26.58 3.60
CA TRP B 357 1.53 25.78 2.94
C TRP B 357 2.52 26.65 2.20
N LEU B 358 3.77 26.19 2.17
CA LEU B 358 4.79 26.68 1.27
C LEU B 358 4.92 25.70 0.11
N THR B 359 4.70 26.17 -1.11
CA THR B 359 4.69 25.35 -2.30
C THR B 359 5.93 25.65 -3.14
N VAL B 360 6.70 24.61 -3.47
CA VAL B 360 7.91 24.77 -4.27
C VAL B 360 7.86 23.81 -5.46
N GLY B 361 8.03 24.34 -6.66
CA GLY B 361 7.96 23.52 -7.82
C GLY B 361 8.49 24.22 -9.05
N PRO B 362 8.87 23.43 -10.05
CA PRO B 362 9.43 24.01 -11.28
C PRO B 362 8.43 24.74 -12.17
N THR B 363 7.13 24.43 -12.12
CA THR B 363 6.18 25.06 -13.03
C THR B 363 5.44 26.26 -12.44
N LEU B 364 5.74 26.65 -11.21
CA LEU B 364 5.11 27.85 -10.66
C LEU B 364 5.40 29.03 -11.56
N THR B 365 4.38 29.85 -11.81
CA THR B 365 4.59 31.00 -12.66
C THR B 365 4.99 32.24 -11.88
N ASN B 366 4.72 32.27 -10.57
CA ASN B 366 5.10 33.38 -9.70
C ASN B 366 5.66 32.84 -8.40
N SER B 367 6.45 33.67 -7.72
CA SER B 367 6.93 33.38 -6.37
C SER B 367 6.69 34.58 -5.46
N ASN B 368 6.55 34.29 -4.17
CA ASN B 368 6.53 35.31 -3.14
C ASN B 368 7.35 34.89 -1.93
N TYR B 369 8.11 33.80 -2.00
CA TYR B 369 8.79 33.24 -0.84
C TYR B 369 9.92 34.15 -0.37
N ASN B 370 9.96 34.44 0.92
CA ASN B 370 11.11 35.07 1.53
C ASN B 370 11.39 34.39 2.86
N ALA B 371 12.61 33.88 3.01
CA ALA B 371 12.93 33.03 4.17
C ALA B 371 12.71 33.78 5.47
N GLU B 372 13.10 35.06 5.51
CA GLU B 372 12.91 35.85 6.72
C GLU B 372 11.42 36.08 6.99
N THR B 373 10.67 36.55 5.98
CA THR B 373 9.22 36.66 6.15
C THR B 373 8.60 35.33 6.57
N TYR B 374 9.01 34.24 5.93
CA TYR B 374 8.41 32.95 6.26
C TYR B 374 8.70 32.57 7.71
N ALA B 375 9.96 32.68 8.14
CA ALA B 375 10.29 32.36 9.52
C ALA B 375 9.54 33.24 10.51
N SER B 376 9.19 34.46 10.10
CA SER B 376 8.52 35.35 11.04
C SER B 376 7.13 34.86 11.42
N TYR B 377 6.51 34.00 10.60
CA TYR B 377 5.21 33.42 10.96
C TYR B 377 5.29 32.48 12.15
N PHE B 378 6.45 31.88 12.40
CA PHE B 378 6.60 30.88 13.44
C PHE B 378 7.48 31.38 14.61
N SER B 379 7.80 32.66 14.66
CA SER B 379 8.53 33.19 15.80
C SER B 379 7.64 33.16 17.04
N ALA B 380 8.27 33.11 18.21
CA ALA B 380 7.58 33.11 19.51
C ALA B 380 6.57 34.23 19.57
N PRO B 381 5.41 34.04 20.21
CA PRO B 381 4.97 32.83 20.92
C PRO B 381 4.42 31.70 20.04
N ASN B 382 4.70 31.69 18.74
CA ASN B 382 4.01 30.75 17.86
C ASN B 382 4.93 29.72 17.22
N SER B 383 5.89 29.21 17.99
CA SER B 383 6.87 28.28 17.45
C SER B 383 6.43 26.83 17.50
N TYR B 384 5.52 26.48 18.41
CA TYR B 384 5.15 25.09 18.65
C TYR B 384 3.67 24.80 18.44
N LEU B 385 2.92 25.74 17.85
CA LEU B 385 1.51 25.52 17.59
C LEU B 385 1.32 24.30 16.69
N THR B 386 0.19 23.62 16.86
CA THR B 386 -0.14 22.44 16.08
C THR B 386 -0.86 22.78 14.78
N GLY B 387 -1.34 24.00 14.61
CA GLY B 387 -2.19 24.30 13.50
C GLY B 387 -3.66 24.00 13.73
N CYS B 388 -4.03 23.52 14.92
CA CYS B 388 -5.42 23.26 15.27
C CYS B 388 -5.91 24.00 16.51
N THR B 389 -5.12 24.89 17.09
CA THR B 389 -5.52 25.61 18.30
C THR B 389 -5.78 27.07 17.97
N GLU B 390 -6.47 27.75 18.90
CA GLU B 390 -6.69 29.19 18.74
C GLU B 390 -5.37 29.93 18.69
N GLU B 391 -5.33 31.03 17.94
CA GLU B 391 -4.12 31.83 17.86
C GLU B 391 -3.84 32.52 19.21
N ILE B 392 -2.56 32.84 19.45
CA ILE B 392 -2.13 33.47 20.69
C ILE B 392 -2.29 34.99 20.56
N GLU B 393 -2.95 35.60 21.55
CA GLU B 393 -3.41 36.98 21.45
C GLU B 393 -2.25 37.97 21.52
N ARG B 394 -2.49 39.15 20.95
CA ARG B 394 -1.49 40.22 20.85
C ARG B 394 -2.01 41.49 21.52
N LEU B 395 -1.08 42.38 21.85
CA LEU B 395 -1.30 43.65 22.59
C LEU B 395 -2.55 43.72 23.48
#